data_5ZQI
#
_entry.id   5ZQI
#
_cell.length_a   40.020
_cell.length_b   76.380
_cell.length_c   83.910
_cell.angle_alpha   90.000
_cell.angle_beta   90.000
_cell.angle_gamma   90.000
#
_symmetry.space_group_name_H-M   'P 21 21 21'
#
loop_
_entity.id
_entity.type
_entity.pdbx_description
1 polymer 'Alginate lyase AlgAT5'
2 non-polymer 'SULFATE ION'
3 water water
#
_entity_poly.entity_id   1
_entity_poly.type   'polypeptide(L)'
_entity_poly.pdbx_seq_one_letter_code
;MHHHHHHSSGLVPRGSGMKETAAAKFERQHMDSPDLGTDDDDKAMADIGSEFMASLLPSDILDLTNWKLTLPINDAEEIT
QPELDSYEHSEYFHVNDDGDAVVFKAHCGGDTTEGSSYPRCELREMTNDGQDKASWSTTSGTHTMIIDQKITHLPEVKDH
VVVGQIHDSDDDVIMIRLEGNHLFVEGDGEELADLDTDYELGTRFTVKIVASGGKIKVYYNGDLKLTYNKSVSGCYFKAG
MYTQSNTSKGDSEDAYGENEIYNLVVTHSLEHHHHHH
;
_entity_poly.pdbx_strand_id   A
#
loop_
_chem_comp.id
_chem_comp.type
_chem_comp.name
_chem_comp.formula
SO4 non-polymer 'SULFATE ION' 'O4 S -2'
#
# COMPACT_ATOMS: atom_id res chain seq x y z
N SER A 55 -3.63 -22.81 8.17
CA SER A 55 -5.08 -22.60 8.11
C SER A 55 -5.42 -21.67 6.94
N LEU A 56 -6.08 -20.55 7.22
CA LEU A 56 -6.38 -19.61 6.17
C LEU A 56 -5.12 -18.93 5.65
N LEU A 57 -5.10 -18.69 4.34
CA LEU A 57 -4.03 -17.98 3.65
C LEU A 57 -4.49 -16.59 3.24
N PRO A 58 -3.57 -15.65 3.01
CA PRO A 58 -4.02 -14.32 2.58
C PRO A 58 -4.98 -14.35 1.38
N SER A 59 -4.78 -15.27 0.46
CA SER A 59 -5.64 -15.43 -0.71
C SER A 59 -7.06 -15.85 -0.37
N ASP A 60 -7.32 -16.31 0.86
CA ASP A 60 -8.67 -16.60 1.33
C ASP A 60 -9.40 -15.38 1.86
N ILE A 61 -8.66 -14.32 2.20
CA ILE A 61 -9.21 -13.10 2.79
C ILE A 61 -9.39 -12.02 1.74
N LEU A 62 -8.37 -11.83 0.91
CA LEU A 62 -8.35 -10.84 -0.15
C LEU A 62 -8.29 -11.54 -1.50
N ASP A 63 -8.90 -10.92 -2.51
CA ASP A 63 -8.83 -11.43 -3.89
C ASP A 63 -7.48 -11.03 -4.43
N LEU A 64 -6.53 -11.98 -4.48
CA LEU A 64 -5.17 -11.67 -4.89
C LEU A 64 -4.90 -11.96 -6.36
N THR A 65 -5.94 -12.29 -7.12
CA THR A 65 -5.80 -12.68 -8.51
C THR A 65 -4.92 -11.72 -9.30
N ASN A 66 -5.21 -10.43 -9.23
CA ASN A 66 -4.56 -9.42 -10.06
C ASN A 66 -3.63 -8.56 -9.22
N TRP A 67 -2.79 -9.24 -8.44
CA TRP A 67 -1.74 -8.58 -7.69
C TRP A 67 -0.48 -9.44 -7.75
N LYS A 68 0.67 -8.80 -7.51
CA LYS A 68 1.90 -9.49 -7.16
C LYS A 68 2.45 -8.86 -5.89
N LEU A 69 3.22 -9.63 -5.12
CA LEU A 69 3.71 -9.20 -3.82
C LEU A 69 5.22 -8.97 -3.85
N THR A 70 5.68 -7.83 -3.32
CA THR A 70 7.09 -7.62 -3.03
C THR A 70 7.34 -7.77 -1.53
N LEU A 71 8.37 -8.54 -1.17
CA LEU A 71 8.73 -8.84 0.20
C LEU A 71 9.82 -7.93 0.74
N PRO A 72 9.97 -7.88 2.09
CA PRO A 72 11.08 -7.13 2.69
C PRO A 72 12.34 -7.95 2.96
N ILE A 73 12.39 -9.15 2.35
CA ILE A 73 13.50 -10.09 2.53
C ILE A 73 13.84 -10.67 1.16
N ASN A 74 14.89 -11.52 1.13
CA ASN A 74 15.26 -12.26 -0.08
C ASN A 74 15.50 -11.33 -1.27
N ASP A 75 16.22 -10.25 -1.04
CA ASP A 75 16.53 -9.28 -2.07
C ASP A 75 15.25 -8.67 -2.66
N ALA A 76 14.28 -8.38 -1.79
CA ALA A 76 12.99 -7.83 -2.20
C ALA A 76 12.33 -8.71 -3.27
N GLU A 77 12.24 -10.00 -2.93
CA GLU A 77 11.66 -10.99 -3.83
C GLU A 77 10.21 -10.67 -4.16
N GLU A 78 9.83 -10.96 -5.40
CA GLU A 78 8.45 -10.88 -5.83
C GLU A 78 7.81 -12.26 -5.84
N ILE A 79 6.60 -12.34 -5.30
CA ILE A 79 5.76 -13.52 -5.39
C ILE A 79 4.63 -13.18 -6.33
N THR A 80 4.59 -13.84 -7.49
CA THR A 80 3.55 -13.63 -8.48
C THR A 80 2.57 -14.77 -8.46
N GLN A 81 1.44 -14.56 -9.13
CA GLN A 81 0.54 -15.66 -9.41
C GLN A 81 1.20 -16.58 -10.43
N PRO A 82 0.99 -17.90 -10.34
CA PRO A 82 0.05 -18.56 -9.42
C PRO A 82 0.57 -18.89 -8.03
N GLU A 83 1.88 -18.76 -7.80
CA GLU A 83 2.43 -19.07 -6.49
C GLU A 83 1.79 -18.23 -5.39
N LEU A 84 1.42 -16.98 -5.67
CA LEU A 84 0.87 -16.13 -4.63
C LEU A 84 -0.43 -16.70 -4.05
N ASP A 85 -1.19 -17.44 -4.83
CA ASP A 85 -2.43 -18.01 -4.33
C ASP A 85 -2.21 -18.92 -3.12
N SER A 86 -1.06 -19.55 -3.00
CA SER A 86 -0.80 -20.46 -1.89
C SER A 86 0.29 -19.96 -0.95
N TYR A 87 0.68 -18.70 -1.06
CA TYR A 87 1.83 -18.16 -0.34
C TYR A 87 1.44 -17.51 0.99
N GLU A 88 2.26 -17.72 2.01
CA GLU A 88 2.21 -16.90 3.21
C GLU A 88 3.64 -16.82 3.76
N HIS A 89 3.87 -15.84 4.63
CA HIS A 89 5.08 -15.73 5.42
C HIS A 89 4.66 -15.41 6.85
N SER A 90 5.03 -16.28 7.79
CA SER A 90 4.54 -16.21 9.17
C SER A 90 4.83 -14.87 9.84
N GLU A 91 5.86 -14.15 9.38
N GLU A 91 5.87 -14.16 9.40
CA GLU A 91 6.22 -12.86 9.95
CA GLU A 91 6.16 -12.85 9.98
C GLU A 91 5.74 -11.67 9.14
C GLU A 91 5.66 -11.67 9.13
N TYR A 92 5.79 -11.76 7.80
CA TYR A 92 5.60 -10.58 6.97
C TYR A 92 4.29 -10.51 6.21
N PHE A 93 3.60 -11.64 5.97
CA PHE A 93 2.44 -11.65 5.07
C PHE A 93 1.55 -12.85 5.40
N HIS A 94 0.60 -12.62 6.25
CA HIS A 94 -0.20 -13.70 6.81
C HIS A 94 -1.52 -13.24 7.35
N VAL A 95 -2.40 -14.21 7.59
CA VAL A 95 -3.70 -13.87 8.16
C VAL A 95 -3.56 -13.62 9.66
N ASN A 96 -4.29 -12.63 10.16
CA ASN A 96 -4.21 -12.30 11.57
C ASN A 96 -4.86 -13.40 12.42
N ASP A 97 -4.68 -13.28 13.74
CA ASP A 97 -5.21 -14.29 14.65
C ASP A 97 -6.74 -14.39 14.56
N ASP A 98 -7.41 -13.26 14.33
CA ASP A 98 -8.86 -13.27 14.25
C ASP A 98 -9.38 -13.94 12.99
N GLY A 99 -8.51 -14.14 12.00
CA GLY A 99 -8.92 -14.76 10.76
C GLY A 99 -9.74 -13.89 9.84
N ASP A 100 -9.56 -12.56 9.91
CA ASP A 100 -10.36 -11.68 9.07
C ASP A 100 -9.57 -10.54 8.42
N ALA A 101 -8.24 -10.54 8.49
CA ALA A 101 -7.45 -9.53 7.79
C ALA A 101 -6.09 -10.10 7.49
N VAL A 102 -5.42 -9.49 6.51
CA VAL A 102 -4.05 -9.85 6.14
C VAL A 102 -3.09 -8.85 6.76
N VAL A 103 -2.10 -9.38 7.47
CA VAL A 103 -1.05 -8.60 8.11
C VAL A 103 0.11 -8.42 7.14
N PHE A 104 0.52 -7.15 6.95
CA PHE A 104 1.69 -6.78 6.15
C PHE A 104 2.68 -6.14 7.10
N LYS A 105 3.91 -6.66 7.14
CA LYS A 105 4.98 -6.13 7.99
C LYS A 105 6.22 -5.89 7.15
N ALA A 106 6.86 -4.73 7.32
CA ALA A 106 8.18 -4.49 6.75
C ALA A 106 9.05 -3.82 7.80
N HIS A 107 10.14 -4.49 8.14
CA HIS A 107 11.07 -4.00 9.16
C HIS A 107 12.14 -3.10 8.56
N CYS A 108 12.68 -2.21 9.40
CA CYS A 108 13.59 -1.17 8.93
C CYS A 108 14.90 -1.74 8.41
N GLY A 109 15.26 -2.94 8.83
CA GLY A 109 16.43 -3.62 8.32
C GLY A 109 16.20 -4.43 7.08
N GLY A 110 15.00 -4.37 6.51
CA GLY A 110 14.69 -5.23 5.38
C GLY A 110 15.41 -4.85 4.10
N ASP A 111 15.42 -5.80 3.18
CA ASP A 111 15.93 -5.57 1.83
C ASP A 111 15.00 -4.62 1.09
N THR A 112 15.57 -3.88 0.15
CA THR A 112 14.81 -2.87 -0.59
C THR A 112 14.85 -3.12 -2.08
N THR A 113 13.81 -2.65 -2.76
CA THR A 113 13.78 -2.72 -4.21
C THR A 113 14.83 -1.78 -4.83
N GLU A 114 15.15 -2.06 -6.09
CA GLU A 114 16.05 -1.21 -6.85
C GLU A 114 15.43 0.17 -7.02
N GLY A 115 16.18 1.20 -6.64
CA GLY A 115 15.70 2.56 -6.73
C GLY A 115 14.97 3.08 -5.50
N SER A 116 14.81 2.26 -4.47
CA SER A 116 14.27 2.73 -3.20
C SER A 116 15.24 2.44 -2.07
N SER A 117 15.18 3.27 -1.03
CA SER A 117 15.94 3.04 0.19
CA SER A 117 15.94 3.03 0.18
C SER A 117 15.07 2.52 1.33
N TYR A 118 13.79 2.28 1.07
CA TYR A 118 12.86 1.85 2.11
C TYR A 118 12.29 0.47 1.81
N PRO A 119 12.15 -0.34 2.86
CA PRO A 119 11.61 -1.71 2.70
C PRO A 119 10.10 -1.73 2.64
N ARG A 120 9.60 -2.80 2.02
CA ARG A 120 8.16 -2.94 1.87
C ARG A 120 7.73 -4.40 1.92
N CYS A 121 6.46 -4.58 2.29
CA CYS A 121 5.71 -5.81 2.04
C CYS A 121 4.41 -5.33 1.38
N GLU A 122 4.39 -5.38 0.05
CA GLU A 122 3.44 -4.54 -0.69
C GLU A 122 2.97 -5.20 -1.97
N LEU A 123 1.67 -5.08 -2.22
CA LEU A 123 1.05 -5.57 -3.45
C LEU A 123 1.12 -4.52 -4.56
N ARG A 124 1.39 -4.99 -5.79
CA ARG A 124 1.48 -4.19 -7.01
C ARG A 124 0.45 -4.69 -8.00
N GLU A 125 -0.34 -3.77 -8.54
CA GLU A 125 -1.48 -4.13 -9.37
C GLU A 125 -1.06 -4.83 -10.66
N MET A 126 -1.71 -5.93 -10.95
CA MET A 126 -1.57 -6.69 -12.18
C MET A 126 -2.90 -6.81 -12.90
N THR A 127 -2.89 -7.49 -14.04
CA THR A 127 -4.07 -7.75 -14.83
C THR A 127 -3.91 -9.08 -15.53
N ASN A 128 -5.01 -9.58 -16.08
CA ASN A 128 -5.03 -10.84 -16.85
C ASN A 128 -4.51 -12.00 -16.00
N ASP A 129 -5.29 -12.34 -14.98
CA ASP A 129 -4.96 -13.48 -14.13
C ASP A 129 -3.64 -13.28 -13.41
N GLY A 130 -3.28 -12.02 -13.16
CA GLY A 130 -2.05 -11.71 -12.47
C GLY A 130 -0.79 -11.85 -13.26
N GLN A 131 -0.87 -12.00 -14.58
CA GLN A 131 0.30 -12.27 -15.38
C GLN A 131 0.89 -11.04 -16.03
N ASP A 132 0.10 -9.98 -16.24
CA ASP A 132 0.55 -8.76 -16.90
C ASP A 132 0.53 -7.58 -15.93
N LYS A 133 1.46 -6.66 -16.13
CA LYS A 133 1.47 -5.44 -15.32
C LYS A 133 0.33 -4.50 -15.68
N ALA A 134 -0.37 -4.02 -14.67
CA ALA A 134 -1.40 -3.01 -14.92
C ALA A 134 -0.75 -1.70 -15.33
N SER A 135 -1.46 -0.96 -16.19
CA SER A 135 -1.00 0.33 -16.68
C SER A 135 -2.19 1.11 -17.18
N TRP A 136 -2.54 2.19 -16.49
CA TRP A 136 -3.72 2.96 -16.89
C TRP A 136 -3.45 4.46 -16.73
N SER A 137 -4.41 5.26 -17.19
CA SER A 137 -4.25 6.70 -17.28
C SER A 137 -5.30 7.42 -16.46
N THR A 138 -4.92 8.54 -15.87
CA THR A 138 -5.89 9.35 -15.15
C THR A 138 -6.84 10.11 -16.07
N THR A 139 -6.60 10.10 -17.38
CA THR A 139 -7.42 10.85 -18.33
C THR A 139 -8.27 9.97 -19.25
N SER A 140 -8.18 8.65 -19.13
CA SER A 140 -9.00 7.75 -19.93
C SER A 140 -9.53 6.66 -19.03
N GLY A 141 -10.86 6.60 -18.89
CA GLY A 141 -11.47 5.62 -18.01
C GLY A 141 -11.54 6.11 -16.58
N THR A 142 -12.04 5.22 -15.73
CA THR A 142 -12.22 5.49 -14.31
C THR A 142 -11.60 4.33 -13.54
N HIS A 143 -10.71 4.64 -12.61
CA HIS A 143 -9.85 3.68 -11.93
C HIS A 143 -9.98 3.90 -10.43
N THR A 144 -10.40 2.86 -9.71
CA THR A 144 -10.76 3.00 -8.31
C THR A 144 -10.08 1.93 -7.47
N MET A 145 -9.56 2.31 -6.30
CA MET A 145 -9.09 1.39 -5.29
C MET A 145 -9.75 1.74 -3.96
N ILE A 146 -10.29 0.74 -3.28
CA ILE A 146 -10.81 0.89 -1.93
C ILE A 146 -10.02 -0.03 -1.00
N ILE A 147 -9.45 0.53 0.06
CA ILE A 147 -8.72 -0.24 1.06
C ILE A 147 -9.39 -0.03 2.42
N ASP A 148 -9.78 -1.12 3.08
CA ASP A 148 -10.37 -1.15 4.42
C ASP A 148 -9.30 -1.75 5.31
N GLN A 149 -8.70 -0.96 6.20
CA GLN A 149 -7.47 -1.38 6.86
C GLN A 149 -7.32 -0.69 8.21
N LYS A 150 -6.34 -1.13 8.99
CA LYS A 150 -5.91 -0.41 10.19
C LYS A 150 -4.40 -0.49 10.26
N ILE A 151 -3.76 0.59 10.68
CA ILE A 151 -2.31 0.61 10.86
C ILE A 151 -2.00 0.25 12.30
N THR A 152 -1.11 -0.73 12.53
CA THR A 152 -0.93 -1.28 13.86
C THR A 152 0.43 -1.02 14.50
N HIS A 153 1.44 -0.62 13.73
CA HIS A 153 2.76 -0.44 14.32
C HIS A 153 3.56 0.49 13.42
N LEU A 154 4.42 1.31 14.05
CA LEU A 154 5.25 2.30 13.41
C LEU A 154 6.68 2.15 13.88
N PRO A 155 7.68 2.51 13.07
CA PRO A 155 9.05 2.61 13.58
C PRO A 155 9.11 3.62 14.72
N GLU A 156 10.07 3.42 15.62
CA GLU A 156 10.17 4.29 16.79
C GLU A 156 10.75 5.67 16.45
N VAL A 157 11.74 5.74 15.58
CA VAL A 157 12.43 7.01 15.36
C VAL A 157 11.75 7.81 14.26
N LYS A 158 11.74 7.28 13.03
CA LYS A 158 11.03 7.90 11.90
C LYS A 158 9.72 7.13 11.76
N ASP A 159 8.69 7.61 12.46
CA ASP A 159 7.44 6.87 12.63
C ASP A 159 6.49 7.11 11.46
N HIS A 160 6.98 6.68 10.28
CA HIS A 160 6.37 7.00 9.00
C HIS A 160 6.11 5.74 8.19
N VAL A 161 4.87 5.58 7.69
CA VAL A 161 4.55 4.46 6.81
C VAL A 161 3.63 4.93 5.68
N VAL A 162 3.64 4.15 4.59
CA VAL A 162 2.77 4.36 3.44
C VAL A 162 1.93 3.11 3.25
N VAL A 163 0.62 3.31 3.05
CA VAL A 163 -0.38 2.25 3.04
C VAL A 163 -1.38 2.50 1.92
N GLY A 164 -0.88 2.55 0.71
CA GLY A 164 -1.70 2.77 -0.48
C GLY A 164 -1.04 3.77 -1.39
N GLN A 165 -0.94 3.45 -2.67
CA GLN A 165 -0.36 4.35 -3.63
C GLN A 165 -1.03 4.28 -4.99
N ILE A 166 -0.89 5.36 -5.75
CA ILE A 166 -0.82 5.28 -7.21
C ILE A 166 0.65 5.54 -7.55
N HIS A 167 1.22 4.72 -8.42
CA HIS A 167 2.61 4.81 -8.89
C HIS A 167 2.60 4.81 -10.41
N ASP A 168 3.59 5.46 -11.03
CA ASP A 168 3.72 5.45 -12.49
C ASP A 168 5.08 4.84 -12.86
N SER A 169 5.55 5.06 -14.09
CA SER A 169 6.77 4.40 -14.50
C SER A 169 7.99 4.86 -13.69
N ASP A 170 7.92 6.02 -13.09
CA ASP A 170 9.09 6.67 -12.49
C ASP A 170 9.01 6.80 -10.98
N ASP A 171 7.84 7.07 -10.43
CA ASP A 171 7.76 7.40 -9.01
C ASP A 171 6.31 7.35 -8.58
N ASP A 172 6.09 7.62 -7.30
CA ASP A 172 4.74 7.69 -6.80
C ASP A 172 4.02 8.90 -7.39
N VAL A 173 2.73 8.76 -7.57
CA VAL A 173 1.84 9.83 -7.99
C VAL A 173 1.14 10.39 -6.76
N ILE A 174 0.47 9.53 -6.00
CA ILE A 174 0.07 9.87 -4.64
C ILE A 174 0.35 8.69 -3.71
N MET A 175 0.51 8.99 -2.42
CA MET A 175 0.66 8.00 -1.38
C MET A 175 -0.20 8.34 -0.18
N ILE A 176 -0.79 7.31 0.42
CA ILE A 176 -1.50 7.42 1.69
C ILE A 176 -0.48 7.21 2.80
N ARG A 177 -0.23 8.25 3.59
CA ARG A 177 0.93 8.31 4.47
C ARG A 177 0.48 8.60 5.89
N LEU A 178 1.05 7.87 6.85
CA LEU A 178 0.87 8.13 8.28
C LEU A 178 2.21 8.52 8.86
N GLU A 179 2.25 9.67 9.53
CA GLU A 179 3.42 10.13 10.29
C GLU A 179 2.88 10.34 11.71
N GLY A 180 3.19 9.44 12.61
CA GLY A 180 2.64 9.54 13.97
C GLY A 180 1.12 9.43 13.96
N ASN A 181 0.43 10.45 14.47
CA ASN A 181 -1.03 10.49 14.44
C ASN A 181 -1.60 11.27 13.25
N HIS A 182 -0.76 11.61 12.28
CA HIS A 182 -1.13 12.46 11.13
C HIS A 182 -1.21 11.61 9.86
N LEU A 183 -2.45 11.37 9.41
CA LEU A 183 -2.74 10.59 8.20
C LEU A 183 -3.13 11.56 7.10
N PHE A 184 -2.42 11.50 5.96
CA PHE A 184 -2.57 12.49 4.91
C PHE A 184 -2.21 11.88 3.56
N VAL A 185 -2.55 12.60 2.50
CA VAL A 185 -2.19 12.25 1.14
C VAL A 185 -0.96 13.05 0.76
N GLU A 186 0.09 12.34 0.31
CA GLU A 186 1.35 12.95 -0.12
C GLU A 186 1.49 12.82 -1.63
N GLY A 187 2.03 13.88 -2.25
CA GLY A 187 2.41 13.86 -3.64
C GLY A 187 3.68 14.67 -3.83
N ASP A 188 4.61 14.14 -4.60
CA ASP A 188 5.90 14.80 -4.85
C ASP A 188 6.58 15.17 -3.53
N GLY A 189 6.42 14.30 -2.54
CA GLY A 189 7.06 14.48 -1.26
C GLY A 189 6.51 15.57 -0.39
N GLU A 190 5.35 16.13 -0.73
CA GLU A 190 4.73 17.16 0.11
C GLU A 190 3.27 16.80 0.34
N GLU A 191 2.72 17.37 1.41
CA GLU A 191 1.34 17.11 1.80
C GLU A 191 0.37 17.75 0.83
N LEU A 192 -0.61 16.97 0.38
CA LEU A 192 -1.67 17.45 -0.47
C LEU A 192 -2.96 17.74 0.29
N ALA A 193 -3.29 16.92 1.28
CA ALA A 193 -4.54 17.04 2.01
C ALA A 193 -4.47 16.14 3.24
N ASP A 194 -5.06 16.60 4.32
CA ASP A 194 -5.24 15.78 5.50
C ASP A 194 -6.36 14.77 5.33
N LEU A 195 -6.16 13.57 5.83
CA LEU A 195 -7.24 12.62 6.03
C LEU A 195 -7.70 12.60 7.49
N ASP A 196 -6.76 12.62 8.44
CA ASP A 196 -7.08 12.48 9.86
C ASP A 196 -5.90 13.03 10.63
N THR A 197 -6.12 14.08 11.42
CA THR A 197 -5.05 14.63 12.24
C THR A 197 -5.00 14.03 13.64
N ASP A 198 -5.82 13.02 13.92
CA ASP A 198 -5.91 12.40 15.24
C ASP A 198 -6.04 10.88 15.07
N TYR A 199 -5.17 10.28 14.27
CA TYR A 199 -5.27 8.86 13.97
C TYR A 199 -4.58 8.05 15.06
N GLU A 200 -5.34 7.17 15.71
CA GLU A 200 -4.80 6.28 16.74
C GLU A 200 -4.57 4.89 16.16
N LEU A 201 -3.39 4.34 16.42
CA LEU A 201 -3.06 3.02 15.89
C LEU A 201 -4.15 2.03 16.27
N GLY A 202 -4.45 1.13 15.34
CA GLY A 202 -5.47 0.13 15.54
C GLY A 202 -6.84 0.52 15.08
N THR A 203 -7.02 1.74 14.59
CA THR A 203 -8.33 2.24 14.18
C THR A 203 -8.59 1.84 12.73
N ARG A 204 -9.68 1.09 12.51
CA ARG A 204 -10.08 0.70 11.16
C ARG A 204 -10.61 1.90 10.39
N PHE A 205 -10.18 2.02 9.13
CA PHE A 205 -10.68 3.07 8.26
C PHE A 205 -10.75 2.55 6.83
N THR A 206 -11.54 3.25 6.01
CA THR A 206 -11.54 3.03 4.58
C THR A 206 -10.96 4.23 3.87
N VAL A 207 -10.15 3.97 2.85
CA VAL A 207 -9.65 5.00 1.95
C VAL A 207 -9.99 4.56 0.54
N LYS A 208 -10.60 5.47 -0.21
CA LYS A 208 -10.95 5.24 -1.60
C LYS A 208 -10.24 6.27 -2.48
N ILE A 209 -9.60 5.78 -3.54
CA ILE A 209 -8.87 6.59 -4.51
C ILE A 209 -9.55 6.38 -5.86
N VAL A 210 -9.94 7.49 -6.52
CA VAL A 210 -10.60 7.45 -7.81
C VAL A 210 -9.86 8.37 -8.77
N ALA A 211 -9.34 7.80 -9.84
CA ALA A 211 -8.67 8.55 -10.90
C ALA A 211 -9.53 8.54 -12.15
N SER A 212 -9.84 9.72 -12.69
CA SER A 212 -10.74 9.87 -13.82
C SER A 212 -10.77 11.36 -14.17
N GLY A 213 -10.90 11.63 -15.46
CA GLY A 213 -11.12 13.00 -15.91
C GLY A 213 -9.97 13.94 -15.70
N GLY A 214 -8.77 13.42 -15.59
CA GLY A 214 -7.61 14.26 -15.30
C GLY A 214 -7.53 14.70 -13.87
N LYS A 215 -8.18 14.00 -12.95
CA LYS A 215 -8.04 14.31 -11.54
C LYS A 215 -8.07 13.04 -10.72
N ILE A 216 -7.57 13.18 -9.50
CA ILE A 216 -7.54 12.10 -8.52
C ILE A 216 -8.32 12.57 -7.28
N LYS A 217 -9.32 11.78 -6.89
CA LYS A 217 -10.09 12.02 -5.69
C LYS A 217 -9.72 11.00 -4.61
N VAL A 218 -9.61 11.46 -3.36
CA VAL A 218 -9.36 10.58 -2.21
C VAL A 218 -10.44 10.83 -1.17
N TYR A 219 -11.04 9.75 -0.69
CA TYR A 219 -12.06 9.72 0.35
C TYR A 219 -11.53 8.99 1.57
N TYR A 220 -11.97 9.44 2.75
CA TYR A 220 -11.66 8.83 4.03
C TYR A 220 -12.99 8.53 4.73
N ASN A 221 -13.25 7.24 4.95
CA ASN A 221 -14.54 6.80 5.50
C ASN A 221 -15.71 7.46 4.77
N GLY A 222 -15.59 7.56 3.45
CA GLY A 222 -16.68 8.03 2.64
C GLY A 222 -16.70 9.52 2.36
N ASP A 223 -15.89 10.30 3.06
CA ASP A 223 -15.88 11.76 2.95
C ASP A 223 -14.76 12.20 2.02
N LEU A 224 -15.10 13.05 1.04
CA LEU A 224 -14.12 13.52 0.07
C LEU A 224 -13.14 14.46 0.77
N LYS A 225 -11.85 14.12 0.71
CA LYS A 225 -10.82 14.92 1.36
C LYS A 225 -9.87 15.63 0.40
N LEU A 226 -9.80 15.21 -0.86
CA LEU A 226 -8.88 15.78 -1.83
C LEU A 226 -9.44 15.55 -3.23
N THR A 227 -9.40 16.60 -4.05
CA THR A 227 -9.54 16.53 -5.50
C THR A 227 -8.31 17.19 -6.12
N TYR A 228 -7.54 16.41 -6.88
CA TYR A 228 -6.18 16.79 -7.28
C TYR A 228 -6.00 16.64 -8.78
N ASN A 229 -5.72 17.76 -9.46
CA ASN A 229 -5.49 17.69 -10.89
C ASN A 229 -4.22 16.89 -11.20
N LYS A 230 -4.33 15.95 -12.13
CA LYS A 230 -3.20 15.15 -12.53
C LYS A 230 -3.50 14.41 -13.84
N SER A 231 -2.65 14.62 -14.82
CA SER A 231 -2.74 13.99 -16.14
C SER A 231 -1.48 13.15 -16.30
N VAL A 232 -1.60 11.84 -16.10
CA VAL A 232 -0.46 10.91 -16.18
C VAL A 232 -0.95 9.55 -16.61
N SER A 233 -0.14 8.86 -17.41
CA SER A 233 -0.38 7.49 -17.83
C SER A 233 0.70 6.56 -17.27
N GLY A 234 0.54 5.26 -17.53
CA GLY A 234 1.41 4.27 -16.92
C GLY A 234 1.21 4.11 -15.44
N CYS A 235 0.02 4.40 -14.95
CA CYS A 235 -0.28 4.29 -13.53
C CYS A 235 -0.72 2.89 -13.13
N TYR A 236 -0.50 2.58 -11.87
CA TYR A 236 -0.97 1.36 -11.24
C TYR A 236 -1.10 1.57 -9.74
N PHE A 237 -1.95 0.75 -9.14
CA PHE A 237 -2.19 0.81 -7.70
C PHE A 237 -1.20 -0.05 -6.94
N LYS A 238 -0.98 0.34 -5.67
CA LYS A 238 -0.24 -0.47 -4.70
C LYS A 238 -0.95 -0.42 -3.37
N ALA A 239 -0.85 -1.50 -2.59
CA ALA A 239 -1.43 -1.54 -1.25
C ALA A 239 -0.61 -2.50 -0.40
N GLY A 240 -0.53 -2.20 0.90
CA GLY A 240 0.21 -3.02 1.83
C GLY A 240 0.96 -2.13 2.78
N MET A 241 2.22 -2.47 3.04
CA MET A 241 3.06 -1.72 3.97
C MET A 241 4.37 -1.31 3.33
N TYR A 242 4.62 0.00 3.26
CA TYR A 242 5.84 0.59 2.71
C TYR A 242 6.44 1.44 3.82
N THR A 243 7.41 0.88 4.54
CA THR A 243 7.93 1.51 5.75
C THR A 243 8.94 2.60 5.39
N GLN A 244 8.67 3.85 5.76
CA GLN A 244 9.54 4.96 5.35
C GLN A 244 10.63 5.21 6.39
N SER A 245 11.34 4.16 6.76
CA SER A 245 12.52 4.30 7.60
C SER A 245 13.49 3.18 7.30
N ASN A 246 14.69 3.33 7.80
CA ASN A 246 15.77 2.36 7.68
C ASN A 246 16.81 2.70 8.76
N THR A 247 17.88 1.91 8.82
CA THR A 247 18.83 2.12 9.91
C THR A 247 19.58 3.45 9.80
N SER A 248 19.70 4.04 8.60
CA SER A 248 20.36 5.33 8.45
C SER A 248 19.58 6.46 9.12
N LYS A 249 18.29 6.24 9.38
CA LYS A 249 17.47 7.19 10.11
C LYS A 249 17.57 7.04 11.62
N GLY A 250 18.29 6.02 12.11
CA GLY A 250 18.41 5.79 13.52
C GLY A 250 17.50 4.70 14.05
N ASP A 251 16.63 4.14 13.22
CA ASP A 251 15.82 3.02 13.68
C ASP A 251 16.66 1.75 13.73
N SER A 252 16.28 0.85 14.63
CA SER A 252 16.91 -0.46 14.71
C SER A 252 16.44 -1.36 13.57
N GLU A 253 17.22 -2.41 13.31
CA GLU A 253 16.86 -3.32 12.23
C GLU A 253 15.49 -3.96 12.45
N ASP A 254 15.10 -4.17 13.71
CA ASP A 254 13.85 -4.86 14.02
C ASP A 254 12.69 -3.91 14.28
N ALA A 255 12.90 -2.60 14.23
CA ALA A 255 11.77 -1.67 14.19
C ALA A 255 10.98 -1.92 12.92
N TYR A 256 9.67 -1.64 12.97
CA TYR A 256 8.88 -1.97 11.80
C TYR A 256 7.59 -1.19 11.69
N GLY A 257 7.09 -1.16 10.45
CA GLY A 257 5.73 -0.77 10.16
C GLY A 257 4.87 -2.02 9.92
N GLU A 258 3.62 -1.95 10.34
CA GLU A 258 2.70 -3.05 10.15
C GLU A 258 1.29 -2.51 9.99
N ASN A 259 0.52 -3.16 9.10
CA ASN A 259 -0.90 -2.88 8.96
C ASN A 259 -1.66 -4.18 8.66
N GLU A 260 -2.99 -4.09 8.77
CA GLU A 260 -3.88 -5.22 8.54
C GLU A 260 -4.95 -4.73 7.57
N ILE A 261 -5.09 -5.45 6.45
CA ILE A 261 -6.07 -5.12 5.41
C ILE A 261 -7.22 -6.12 5.51
N TYR A 262 -8.43 -5.62 5.72
CA TYR A 262 -9.65 -6.41 5.84
C TYR A 262 -10.36 -6.60 4.50
N ASN A 263 -10.35 -5.58 3.64
CA ASN A 263 -10.98 -5.64 2.34
C ASN A 263 -10.15 -4.77 1.39
N LEU A 264 -10.12 -5.16 0.13
CA LEU A 264 -9.30 -4.54 -0.90
C LEU A 264 -10.01 -4.79 -2.22
N VAL A 265 -10.28 -3.73 -2.97
CA VAL A 265 -10.90 -3.85 -4.28
C VAL A 265 -10.32 -2.81 -5.24
N VAL A 266 -10.08 -3.25 -6.47
CA VAL A 266 -9.72 -2.39 -7.59
C VAL A 266 -10.74 -2.59 -8.68
N THR A 267 -11.25 -1.49 -9.21
CA THR A 267 -12.16 -1.54 -10.34
C THR A 267 -11.72 -0.59 -11.45
N HIS A 268 -12.05 -0.97 -12.67
CA HIS A 268 -11.76 -0.17 -13.84
C HIS A 268 -12.98 -0.16 -14.77
N SER A 269 -13.29 1.02 -15.31
CA SER A 269 -14.35 1.18 -16.29
C SER A 269 -13.86 2.07 -17.41
N LEU A 270 -14.37 1.83 -18.62
CA LEU A 270 -13.93 2.56 -19.80
C LEU A 270 -14.50 3.98 -19.87
S SO4 B . 11.18 10.86 3.19
O1 SO4 B . 11.64 11.92 4.07
O2 SO4 B . 10.41 11.42 2.08
O3 SO4 B . 12.32 10.11 2.68
O4 SO4 B . 10.29 9.95 3.92
#